data_3BKL
#
_entry.id   3BKL
#
_cell.length_a   59.849
_cell.length_b   85.038
_cell.length_c   134.920
_cell.angle_alpha   90.000
_cell.angle_beta   90.000
_cell.angle_gamma   90.000
#
_symmetry.space_group_name_H-M   'P 21 21 21'
#
loop_
_entity.id
_entity.type
_entity.pdbx_description
1 polymer 'Angiotensin-converting enzyme, somatic isoform'
2 branched 2-acetamido-2-deoxy-beta-D-glucopyranose-(1-4)-[alpha-L-fucopyranose-(1-6)]2-acetamido-2-deoxy-beta-D-glucopyranose
3 non-polymer 2-acetamido-2-deoxy-beta-D-glucopyranose
4 non-polymer 'ZINC ION'
5 non-polymer 'CHLORIDE ION'
6 non-polymer 'ACETATE ION'
7 non-polymer N-{(5S)-4,4-dihydroxy-6-phenyl-5-[(phenylcarbonyl)amino]hexanoyl}-L-tryptophan
8 non-polymer GLYCEROL
9 water water
#
_entity_poly.entity_id   1
_entity_poly.type   'polypeptide(L)'
_entity_poly.pdbx_seq_one_letter_code
;LVTDEAEASKFVEEYDRTSQVVWNEYAGANWNYNTNITTETSKILLQKNMQIAQHTLKYGTQARKFDVNQLQNTTIKRII
KKVQDLERAALPAQELEEYNKILLDMETTYSVATVCHPQGSCLQLEPDLTNVMATSRKYEDLLWAWEGWRDKAGRAILQF
YPKYVELINQAARLNGYVDAGDSWRSMYETPSLEQDLERLFQELQPLYLNLHAYVRRALHRHYGAQHINLEGPIPAHLLG
NMWAQTWSNIYDLVVPFPSAPSMDTTEAMLKQGWTPRRMFKEADDFFTSLGLLPVPPEFWQKSMLEKPTDGREVVCHASA
WDFYNGKDFRIKQCTTVNLEDLVVAHHEMGHIQYFMQYKDLPVALREGANPGFHEAIGDVLALSVSTPKHLHSLNLLSSE
GGSDEHDINFLMKMALDKIAFIPFSYLVDQWRWRVFDGSITKENYNQEWWSLRLKYQGLCPPVPRTQGDFDPGAKFHIPS
SVPYIRYFVSFIIQFQFHEALCQAAGHTGPLHKCDIYQSKEAGQRLATAMKLGFSRPWPEAMQLITGQPQMSASAMLSYF
KPLLDWLRTENELHGEKLGWPQYNWTPNSAR
;
_entity_poly.pdbx_strand_id   A
#
# COMPACT_ATOMS: atom_id res chain seq x y z
N ASP A 4 3.01 42.23 -6.01
CA ASP A 4 3.09 40.82 -6.39
C ASP A 4 3.50 39.93 -5.19
N GLU A 5 4.82 39.86 -4.88
CA GLU A 5 5.38 39.05 -3.77
C GLU A 5 4.59 39.21 -2.49
N ALA A 6 4.10 40.42 -2.24
CA ALA A 6 3.30 40.70 -1.04
C ALA A 6 1.92 40.06 -1.15
N GLU A 7 1.31 40.16 -2.31
CA GLU A 7 0.00 39.57 -2.55
C GLU A 7 0.06 38.04 -2.42
N ALA A 8 1.17 37.45 -2.85
CA ALA A 8 1.36 35.99 -2.78
C ALA A 8 1.47 35.49 -1.33
N SER A 9 2.26 36.20 -0.52
CA SER A 9 2.46 35.87 0.89
C SER A 9 1.13 35.92 1.65
N LYS A 10 0.28 36.88 1.26
CA LYS A 10 -1.02 37.08 1.89
C LYS A 10 -2.03 36.00 1.46
N PHE A 11 -2.03 35.65 0.16
CA PHE A 11 -2.93 34.65 -0.41
C PHE A 11 -2.73 33.30 0.29
N VAL A 12 -1.46 32.89 0.40
CA VAL A 12 -1.09 31.63 1.01
C VAL A 12 -1.52 31.58 2.46
N GLU A 13 -1.39 32.69 3.17
CA GLU A 13 -1.77 32.72 4.57
C GLU A 13 -3.28 32.52 4.72
N GLU A 14 -4.05 33.14 3.82
CA GLU A 14 -5.51 33.02 3.87
C GLU A 14 -5.95 31.63 3.43
N TYR A 15 -5.26 31.10 2.43
CA TYR A 15 -5.55 29.78 1.92
C TYR A 15 -5.38 28.74 3.03
N ASP A 16 -4.33 28.93 3.80
CA ASP A 16 -3.99 28.02 4.87
C ASP A 16 -4.99 28.04 6.01
N ARG A 17 -5.32 29.22 6.51
CA ARG A 17 -6.26 29.27 7.61
C ARG A 17 -7.61 28.74 7.22
N THR A 18 -8.05 29.04 5.99
CA THR A 18 -9.36 28.57 5.54
C THR A 18 -9.36 27.09 5.13
N SER A 19 -8.27 26.62 4.52
CA SER A 19 -8.23 25.19 4.12
C SER A 19 -8.25 24.33 5.38
N GLN A 20 -7.54 24.75 6.43
CA GLN A 20 -7.51 24.00 7.67
C GLN A 20 -8.94 23.74 8.17
N VAL A 21 -9.79 24.77 8.12
CA VAL A 21 -11.18 24.65 8.54
C VAL A 21 -12.03 23.76 7.62
N VAL A 22 -11.99 24.05 6.33
CA VAL A 22 -12.74 23.30 5.34
C VAL A 22 -12.27 21.82 5.25
N TRP A 23 -10.96 21.59 5.32
CA TRP A 23 -10.46 20.21 5.26
C TRP A 23 -10.86 19.42 6.51
N ASN A 24 -10.78 20.06 7.69
CA ASN A 24 -11.17 19.43 8.93
C ASN A 24 -12.64 19.02 8.87
N GLU A 25 -13.49 19.91 8.38
CA GLU A 25 -14.91 19.58 8.26
C GLU A 25 -15.14 18.43 7.28
N TYR A 26 -14.43 18.41 6.17
CA TYR A 26 -14.62 17.35 5.20
C TYR A 26 -14.20 15.99 5.80
N ALA A 27 -13.04 15.98 6.45
CA ALA A 27 -12.49 14.77 7.07
C ALA A 27 -13.50 14.15 8.03
N GLY A 28 -14.09 15.03 8.83
CA GLY A 28 -15.09 14.61 9.78
C GLY A 28 -16.23 13.88 9.09
N ALA A 29 -16.77 14.44 8.01
CA ALA A 29 -17.87 13.80 7.28
C ALA A 29 -17.40 12.50 6.59
N ASN A 30 -16.15 12.52 6.12
CA ASN A 30 -15.58 11.35 5.44
C ASN A 30 -15.39 10.22 6.45
N TRP A 31 -14.92 10.59 7.63
CA TRP A 31 -14.76 9.63 8.70
C TRP A 31 -16.08 8.97 9.08
N ASN A 32 -17.16 9.76 9.17
CA ASN A 32 -18.47 9.21 9.58
C ASN A 32 -19.03 8.28 8.54
N TYR A 33 -18.71 8.54 7.26
CA TYR A 33 -19.18 7.65 6.22
C TYR A 33 -18.38 6.34 6.30
N ASN A 34 -17.04 6.47 6.32
CA ASN A 34 -16.12 5.33 6.38
C ASN A 34 -16.38 4.39 7.58
N THR A 35 -16.80 4.96 8.71
CA THR A 35 -17.02 4.14 9.89
C THR A 35 -18.50 3.82 10.14
N ASN A 36 -19.35 4.16 9.19
CA ASN A 36 -20.79 3.90 9.34
C ASN A 36 -21.45 4.18 8.01
N ILE A 37 -21.35 3.24 7.09
CA ILE A 37 -21.92 3.39 5.77
C ILE A 37 -23.43 3.32 5.84
N THR A 38 -24.07 4.47 5.62
CA THR A 38 -25.53 4.58 5.61
C THR A 38 -25.92 5.58 4.51
N THR A 39 -27.22 5.67 4.22
CA THR A 39 -27.68 6.64 3.24
C THR A 39 -27.44 8.07 3.79
N GLU A 40 -27.69 8.30 5.07
CA GLU A 40 -27.47 9.64 5.62
C GLU A 40 -26.00 10.03 5.55
N THR A 41 -25.10 9.19 6.09
CA THR A 41 -23.70 9.55 6.08
C THR A 41 -23.20 9.70 4.65
N SER A 42 -23.75 8.91 3.75
CA SER A 42 -23.35 9.00 2.35
C SER A 42 -23.78 10.34 1.80
N LYS A 43 -25.05 10.66 2.00
CA LYS A 43 -25.59 11.91 1.51
C LYS A 43 -24.84 13.12 2.09
N ILE A 44 -24.48 13.06 3.36
CA ILE A 44 -23.78 14.19 3.93
C ILE A 44 -22.38 14.32 3.35
N LEU A 45 -21.73 13.19 3.10
CA LEU A 45 -20.39 13.23 2.54
C LEU A 45 -20.46 13.86 1.16
N LEU A 46 -21.45 13.47 0.36
CA LEU A 46 -21.59 14.06 -0.98
C LEU A 46 -21.79 15.58 -0.90
N GLN A 47 -22.53 16.03 0.10
CA GLN A 47 -22.79 17.44 0.32
C GLN A 47 -21.51 18.14 0.70
N LYS A 48 -20.74 17.54 1.60
CA LYS A 48 -19.48 18.16 2.01
C LYS A 48 -18.46 18.20 0.84
N ASN A 49 -18.61 17.28 -0.11
CA ASN A 49 -17.74 17.24 -1.28
C ASN A 49 -17.92 18.56 -2.04
N MET A 50 -19.15 19.02 -2.15
CA MET A 50 -19.37 20.26 -2.89
C MET A 50 -18.82 21.46 -2.10
N GLN A 51 -18.91 21.43 -0.77
CA GLN A 51 -18.38 22.51 0.06
C GLN A 51 -16.89 22.69 -0.19
N ILE A 52 -16.13 21.62 -0.01
CA ILE A 52 -14.68 21.69 -0.22
C ILE A 52 -14.36 22.02 -1.69
N ALA A 53 -15.20 21.57 -2.62
CA ALA A 53 -14.97 21.89 -4.03
C ALA A 53 -15.15 23.42 -4.20
N GLN A 54 -16.16 24.00 -3.55
CA GLN A 54 -16.38 25.44 -3.65
C GLN A 54 -15.10 26.15 -3.23
N HIS A 55 -14.56 25.73 -2.07
CA HIS A 55 -13.36 26.34 -1.52
C HIS A 55 -12.18 26.13 -2.45
N THR A 56 -12.08 24.93 -3.03
CA THR A 56 -10.98 24.63 -3.93
C THR A 56 -11.09 25.47 -5.20
N LEU A 57 -12.30 25.61 -5.73
CA LEU A 57 -12.49 26.43 -6.93
C LEU A 57 -12.13 27.90 -6.64
N LYS A 58 -12.59 28.41 -5.50
CA LYS A 58 -12.32 29.79 -5.13
C LYS A 58 -10.82 30.09 -5.02
N TYR A 59 -10.08 29.34 -4.18
CA TYR A 59 -8.65 29.62 -4.03
C TYR A 59 -7.81 29.24 -5.26
N GLY A 60 -8.23 28.18 -5.96
CA GLY A 60 -7.48 27.74 -7.11
C GLY A 60 -7.54 28.78 -8.21
N THR A 61 -8.73 29.32 -8.43
CA THR A 61 -8.92 30.36 -9.44
C THR A 61 -7.98 31.54 -9.14
N GLN A 62 -7.95 31.98 -7.88
CA GLN A 62 -7.07 33.08 -7.50
C GLN A 62 -5.61 32.69 -7.68
N ALA A 63 -5.25 31.46 -7.30
CA ALA A 63 -3.88 30.99 -7.42
C ALA A 63 -3.40 31.06 -8.88
N ARG A 64 -4.31 30.74 -9.81
CA ARG A 64 -4.01 30.75 -11.24
C ARG A 64 -3.79 32.14 -11.80
N LYS A 65 -4.13 33.17 -11.04
CA LYS A 65 -3.96 34.54 -11.52
C LYS A 65 -2.53 35.04 -11.26
N PHE A 66 -1.92 34.49 -10.22
CA PHE A 66 -0.55 34.86 -9.84
C PHE A 66 0.44 34.31 -10.82
N ASP A 67 1.65 34.86 -10.82
CA ASP A 67 2.68 34.26 -11.64
C ASP A 67 3.80 33.71 -10.76
N VAL A 68 3.71 32.40 -10.57
CA VAL A 68 4.64 31.62 -9.78
C VAL A 68 6.10 31.92 -10.13
N ASN A 69 6.51 31.42 -11.29
CA ASN A 69 7.87 31.55 -11.78
C ASN A 69 8.44 32.95 -11.73
N GLN A 70 7.57 33.96 -11.65
CA GLN A 70 8.09 35.32 -11.53
C GLN A 70 8.00 35.77 -10.11
N LEU A 71 7.99 34.77 -9.24
CA LEU A 71 7.89 34.99 -7.80
C LEU A 71 9.22 34.56 -7.11
N GLN A 72 9.77 35.36 -6.19
CA GLN A 72 11.06 35.02 -5.55
C GLN A 72 11.04 33.87 -4.54
N ASN A 73 10.32 34.00 -3.43
CA ASN A 73 10.27 32.94 -2.40
C ASN A 73 9.89 31.56 -2.94
N THR A 74 10.71 30.59 -2.59
CA THR A 74 10.56 29.25 -3.04
C THR A 74 9.38 28.50 -2.39
N THR A 75 9.20 28.64 -1.08
CA THR A 75 8.10 28.00 -0.37
C THR A 75 6.74 28.46 -0.90
N ILE A 76 6.58 29.76 -1.01
CA ILE A 76 5.34 30.35 -1.49
C ILE A 76 5.06 29.97 -2.95
N LYS A 77 6.11 29.95 -3.76
CA LYS A 77 6.01 29.58 -5.16
C LYS A 77 5.49 28.14 -5.28
N ARG A 78 5.98 27.27 -4.42
CA ARG A 78 5.57 25.86 -4.39
C ARG A 78 4.10 25.71 -3.92
N ILE A 79 3.75 26.41 -2.85
CA ILE A 79 2.39 26.36 -2.35
C ILE A 79 1.41 26.81 -3.41
N ILE A 80 1.69 27.93 -4.06
CA ILE A 80 0.79 28.44 -5.10
C ILE A 80 0.66 27.51 -6.30
N LYS A 81 1.78 26.95 -6.74
CA LYS A 81 1.75 26.03 -7.85
C LYS A 81 0.77 24.89 -7.54
N LYS A 82 0.84 24.38 -6.33
CA LYS A 82 -0.03 23.32 -5.90
C LYS A 82 -1.51 23.72 -5.90
N VAL A 83 -1.82 24.85 -5.24
CA VAL A 83 -3.18 25.34 -5.17
C VAL A 83 -3.77 25.51 -6.55
N GLN A 84 -2.92 25.74 -7.55
CA GLN A 84 -3.42 25.91 -8.91
C GLN A 84 -4.08 24.68 -9.50
N ASP A 85 -3.81 23.53 -8.90
CA ASP A 85 -4.40 22.27 -9.35
C ASP A 85 -5.71 22.11 -8.60
N LEU A 86 -6.83 22.20 -9.30
CA LEU A 86 -8.15 22.08 -8.65
C LEU A 86 -8.61 20.62 -8.54
N GLU A 87 -7.76 19.71 -9.00
CA GLU A 87 -8.09 18.30 -8.98
C GLU A 87 -9.57 18.17 -9.47
N ARG A 88 -10.43 17.40 -8.79
CA ARG A 88 -11.79 17.20 -9.26
C ARG A 88 -12.63 18.49 -9.30
N ALA A 89 -12.30 19.44 -8.43
CA ALA A 89 -13.03 20.70 -8.37
C ALA A 89 -12.98 21.45 -9.71
N ALA A 90 -12.18 20.94 -10.64
CA ALA A 90 -12.08 21.58 -11.96
C ALA A 90 -13.28 21.18 -12.86
N LEU A 91 -13.94 20.09 -12.53
CA LEU A 91 -15.08 19.64 -13.33
C LEU A 91 -16.30 20.55 -13.16
N PRO A 92 -17.13 20.69 -14.21
CA PRO A 92 -18.32 21.50 -14.11
C PRO A 92 -19.25 20.90 -13.07
N ALA A 93 -20.00 21.74 -12.36
CA ALA A 93 -20.92 21.24 -11.33
C ALA A 93 -21.56 19.90 -11.63
N GLN A 94 -22.17 19.74 -12.80
CA GLN A 94 -22.85 18.50 -13.13
C GLN A 94 -21.90 17.28 -13.11
N GLU A 95 -20.80 17.41 -13.84
CA GLU A 95 -19.79 16.35 -13.90
C GLU A 95 -19.20 16.08 -12.51
N LEU A 96 -18.94 17.14 -11.75
CA LEU A 96 -18.39 16.97 -10.43
C LEU A 96 -19.31 16.10 -9.55
N GLU A 97 -20.59 16.43 -9.55
CA GLU A 97 -21.61 15.71 -8.78
C GLU A 97 -21.61 14.26 -9.15
N GLU A 98 -21.70 14.04 -10.46
CA GLU A 98 -21.73 12.71 -11.01
C GLU A 98 -20.48 11.93 -10.61
N TYR A 99 -19.34 12.58 -10.73
CA TYR A 99 -18.05 11.97 -10.38
C TYR A 99 -18.07 11.57 -8.91
N ASN A 100 -18.38 12.54 -8.05
CA ASN A 100 -18.43 12.29 -6.62
C ASN A 100 -19.32 11.12 -6.27
N LYS A 101 -20.44 10.99 -6.98
CA LYS A 101 -21.39 9.92 -6.70
C LYS A 101 -20.84 8.57 -7.15
N ILE A 102 -20.15 8.58 -8.29
CA ILE A 102 -19.56 7.37 -8.82
C ILE A 102 -18.50 6.86 -7.84
N LEU A 103 -17.67 7.76 -7.31
CA LEU A 103 -16.62 7.33 -6.38
C LEU A 103 -17.26 6.72 -5.14
N LEU A 104 -18.32 7.35 -4.65
CA LEU A 104 -18.96 6.83 -3.44
C LEU A 104 -19.58 5.46 -3.68
N ASP A 105 -20.24 5.32 -4.84
CA ASP A 105 -20.88 4.07 -5.22
C ASP A 105 -19.89 2.92 -5.36
N MET A 106 -18.74 3.22 -5.96
CA MET A 106 -17.72 2.18 -6.11
C MET A 106 -17.20 1.79 -4.70
N GLU A 107 -16.90 2.79 -3.86
CA GLU A 107 -16.40 2.48 -2.53
C GLU A 107 -17.36 1.64 -1.68
N THR A 108 -18.63 2.01 -1.71
CA THR A 108 -19.61 1.28 -0.94
C THR A 108 -19.84 -0.12 -1.53
N THR A 109 -19.87 -0.20 -2.85
CA THR A 109 -20.06 -1.49 -3.52
C THR A 109 -18.96 -2.45 -3.11
N TYR A 110 -17.72 -1.96 -3.04
CA TYR A 110 -16.59 -2.80 -2.65
C TYR A 110 -16.62 -3.16 -1.15
N SER A 111 -16.95 -2.19 -0.29
CA SER A 111 -16.90 -2.43 1.14
C SER A 111 -18.08 -3.24 1.74
N VAL A 112 -19.16 -3.43 0.99
CA VAL A 112 -20.27 -4.19 1.53
C VAL A 112 -20.48 -5.49 0.76
N ALA A 113 -19.64 -5.75 -0.25
CA ALA A 113 -19.83 -6.99 -1.01
C ALA A 113 -19.66 -8.22 -0.11
N THR A 114 -20.41 -9.29 -0.40
CA THR A 114 -20.29 -10.54 0.35
C THR A 114 -20.39 -11.73 -0.60
N VAL A 115 -19.80 -12.85 -0.20
CA VAL A 115 -19.83 -14.07 -1.01
C VAL A 115 -20.56 -15.12 -0.17
N CYS A 116 -21.70 -15.56 -0.69
CA CYS A 116 -22.53 -16.51 0.05
C CYS A 116 -22.63 -17.90 -0.49
N HIS A 117 -22.78 -18.85 0.42
CA HIS A 117 -23.00 -20.23 0.06
C HIS A 117 -24.49 -20.37 -0.13
N PRO A 118 -24.94 -21.08 -1.15
CA PRO A 118 -26.37 -21.24 -1.37
C PRO A 118 -27.06 -21.60 -0.03
N GLN A 119 -28.06 -20.79 0.35
CA GLN A 119 -28.87 -20.92 1.57
C GLN A 119 -28.06 -21.42 2.77
N GLY A 120 -26.87 -20.85 2.86
CA GLY A 120 -25.93 -21.13 3.92
C GLY A 120 -25.39 -19.79 4.39
N SER A 121 -24.11 -19.75 4.75
CA SER A 121 -23.50 -18.51 5.24
C SER A 121 -22.90 -17.57 4.19
N CYS A 122 -22.85 -16.28 4.54
CA CYS A 122 -22.30 -15.24 3.66
C CYS A 122 -21.01 -14.73 4.28
N LEU A 123 -19.94 -14.65 3.49
CA LEU A 123 -18.67 -14.22 4.00
C LEU A 123 -18.29 -12.86 3.47
N GLN A 124 -17.64 -12.07 4.32
CA GLN A 124 -17.18 -10.76 3.90
C GLN A 124 -15.69 -10.89 3.68
N LEU A 125 -15.12 -9.93 2.97
CA LEU A 125 -13.69 -9.98 2.69
C LEU A 125 -12.87 -10.05 3.97
N GLU A 126 -13.16 -9.17 4.91
CA GLU A 126 -12.44 -9.10 6.19
C GLU A 126 -13.41 -9.37 7.35
N PRO A 127 -13.09 -10.33 8.23
CA PRO A 127 -11.91 -11.18 8.21
C PRO A 127 -12.09 -12.55 7.51
N ASP A 128 -13.31 -12.90 7.08
CA ASP A 128 -13.61 -14.25 6.54
C ASP A 128 -12.89 -14.69 5.27
N LEU A 129 -13.11 -14.02 4.15
CA LEU A 129 -12.44 -14.44 2.91
C LEU A 129 -10.94 -14.39 2.99
N THR A 130 -10.41 -13.35 3.67
CA THR A 130 -8.96 -13.22 3.78
C THR A 130 -8.42 -14.36 4.63
N ASN A 131 -9.20 -14.81 5.64
CA ASN A 131 -8.76 -15.92 6.48
C ASN A 131 -8.71 -17.21 5.66
N VAL A 132 -9.69 -17.39 4.78
CA VAL A 132 -9.70 -18.59 3.93
C VAL A 132 -8.47 -18.61 3.04
N MET A 133 -8.22 -17.51 2.32
CA MET A 133 -7.05 -17.45 1.43
C MET A 133 -5.76 -17.71 2.21
N ALA A 134 -5.70 -17.22 3.44
CA ALA A 134 -4.49 -17.38 4.26
C ALA A 134 -4.30 -18.79 4.86
N THR A 135 -5.41 -19.47 5.18
CA THR A 135 -5.25 -20.76 5.86
C THR A 135 -5.66 -22.02 5.11
N SER A 136 -6.55 -21.92 4.13
CA SER A 136 -6.95 -23.13 3.43
C SER A 136 -5.85 -23.68 2.51
N ARG A 137 -5.74 -25.01 2.52
CA ARG A 137 -4.76 -25.68 1.68
C ARG A 137 -5.51 -26.60 0.71
N LYS A 138 -6.77 -26.27 0.47
CA LYS A 138 -7.61 -27.05 -0.45
C LYS A 138 -7.91 -26.23 -1.67
N TYR A 139 -7.42 -26.71 -2.81
CA TYR A 139 -7.55 -26.06 -4.10
C TYR A 139 -8.95 -25.56 -4.39
N GLU A 140 -9.95 -26.42 -4.18
CA GLU A 140 -11.34 -26.06 -4.44
C GLU A 140 -11.92 -24.99 -3.50
N ASP A 141 -11.53 -25.02 -2.24
CA ASP A 141 -12.03 -24.03 -1.29
C ASP A 141 -11.41 -22.63 -1.57
N LEU A 142 -10.13 -22.60 -1.89
CA LEU A 142 -9.45 -21.35 -2.22
C LEU A 142 -10.07 -20.79 -3.51
N LEU A 143 -10.40 -21.68 -4.45
CA LEU A 143 -10.94 -21.25 -5.73
C LEU A 143 -12.29 -20.60 -5.46
N TRP A 144 -13.09 -21.25 -4.63
CA TRP A 144 -14.41 -20.72 -4.31
C TRP A 144 -14.31 -19.28 -3.77
N ALA A 145 -13.45 -19.07 -2.79
CA ALA A 145 -13.32 -17.74 -2.23
C ALA A 145 -12.70 -16.76 -3.25
N TRP A 146 -11.69 -17.22 -3.99
CA TRP A 146 -11.06 -16.35 -4.98
C TRP A 146 -12.05 -15.95 -6.09
N GLU A 147 -12.77 -16.93 -6.64
CA GLU A 147 -13.72 -16.62 -7.72
C GLU A 147 -14.92 -15.82 -7.22
N GLY A 148 -15.46 -16.25 -6.09
CA GLY A 148 -16.62 -15.59 -5.50
C GLY A 148 -16.35 -14.12 -5.24
N TRP A 149 -15.17 -13.79 -4.72
CA TRP A 149 -14.85 -12.41 -4.44
C TRP A 149 -14.82 -11.58 -5.72
N ARG A 150 -14.31 -12.15 -6.80
CA ARG A 150 -14.28 -11.42 -8.05
C ARG A 150 -15.68 -11.31 -8.67
N ASP A 151 -16.50 -12.35 -8.48
CA ASP A 151 -17.86 -12.34 -8.98
C ASP A 151 -18.72 -11.27 -8.31
N LYS A 152 -18.57 -11.12 -7.01
CA LYS A 152 -19.39 -10.15 -6.29
C LYS A 152 -18.84 -8.72 -6.25
N ALA A 153 -17.54 -8.57 -6.01
CA ALA A 153 -16.93 -7.25 -5.94
C ALA A 153 -16.47 -6.69 -7.30
N GLY A 154 -15.64 -7.45 -8.00
CA GLY A 154 -15.15 -6.97 -9.29
C GLY A 154 -16.22 -6.78 -10.36
N ARG A 155 -17.05 -7.80 -10.56
CA ARG A 155 -18.09 -7.69 -11.58
C ARG A 155 -18.97 -6.49 -11.30
N ALA A 156 -19.18 -6.20 -10.02
CA ALA A 156 -20.05 -5.10 -9.61
C ALA A 156 -19.43 -3.72 -9.74
N ILE A 157 -18.13 -3.65 -9.91
CA ILE A 157 -17.49 -2.35 -10.04
C ILE A 157 -17.43 -1.93 -11.53
N LEU A 158 -17.53 -2.92 -12.41
CA LEU A 158 -17.45 -2.71 -13.85
C LEU A 158 -18.40 -1.65 -14.40
N GLN A 159 -19.65 -1.65 -13.97
CA GLN A 159 -20.61 -0.69 -14.52
C GLN A 159 -20.24 0.76 -14.27
N PHE A 160 -19.42 1.01 -13.25
CA PHE A 160 -19.04 2.37 -12.92
C PHE A 160 -17.71 2.83 -13.51
N TYR A 161 -16.83 1.90 -13.79
CA TYR A 161 -15.47 2.27 -14.18
C TYR A 161 -15.29 3.10 -15.45
N PRO A 162 -15.92 2.76 -16.60
CA PRO A 162 -15.69 3.59 -17.78
C PRO A 162 -16.02 5.06 -17.56
N LYS A 163 -17.11 5.33 -16.85
CA LYS A 163 -17.50 6.72 -16.56
C LYS A 163 -16.47 7.37 -15.64
N TYR A 164 -16.08 6.64 -14.61
CA TYR A 164 -15.05 7.11 -13.69
C TYR A 164 -13.80 7.55 -14.47
N VAL A 165 -13.33 6.69 -15.36
CA VAL A 165 -12.15 6.96 -16.16
C VAL A 165 -12.37 8.25 -16.99
N GLU A 166 -13.52 8.29 -17.65
CA GLU A 166 -13.86 9.45 -18.45
C GLU A 166 -13.78 10.75 -17.64
N LEU A 167 -14.40 10.74 -16.47
CA LEU A 167 -14.45 11.92 -15.64
C LEU A 167 -13.14 12.31 -14.94
N ILE A 168 -12.39 11.33 -14.43
CA ILE A 168 -11.13 11.71 -13.76
C ILE A 168 -10.13 12.18 -14.83
N ASN A 169 -10.21 11.63 -16.03
CA ASN A 169 -9.33 12.10 -17.10
C ASN A 169 -9.72 13.54 -17.45
N GLN A 170 -11.03 13.79 -17.53
CA GLN A 170 -11.51 15.12 -17.87
C GLN A 170 -10.99 16.13 -16.82
N ALA A 171 -11.05 15.73 -15.56
CA ALA A 171 -10.57 16.60 -14.48
C ALA A 171 -9.09 16.89 -14.68
N ALA A 172 -8.35 15.86 -15.06
CA ALA A 172 -6.91 16.00 -15.25
C ALA A 172 -6.62 16.96 -16.37
N ARG A 173 -7.30 16.78 -17.51
CA ARG A 173 -7.07 17.66 -18.64
C ARG A 173 -7.39 19.10 -18.25
N LEU A 174 -8.47 19.30 -17.49
CA LEU A 174 -8.82 20.67 -17.11
C LEU A 174 -7.75 21.25 -16.19
N ASN A 175 -6.88 20.39 -15.65
CA ASN A 175 -5.83 20.87 -14.76
C ASN A 175 -4.49 20.94 -15.45
N GLY A 176 -4.48 20.82 -16.78
CA GLY A 176 -3.23 20.91 -17.51
C GLY A 176 -2.50 19.60 -17.76
N TYR A 177 -3.04 18.47 -17.30
CA TYR A 177 -2.40 17.17 -17.55
C TYR A 177 -3.00 16.48 -18.79
N VAL A 178 -2.34 15.45 -19.32
CA VAL A 178 -2.93 14.78 -20.50
C VAL A 178 -3.97 13.71 -20.17
N ASP A 179 -3.87 13.15 -18.97
CA ASP A 179 -4.82 12.13 -18.53
C ASP A 179 -4.57 11.98 -17.02
N ALA A 180 -5.40 11.19 -16.34
CA ALA A 180 -5.27 11.01 -14.89
C ALA A 180 -3.94 10.37 -14.47
N GLY A 181 -3.41 9.47 -15.31
CA GLY A 181 -2.15 8.83 -15.02
C GLY A 181 -1.02 9.85 -14.93
N ASP A 182 -0.98 10.75 -15.91
CA ASP A 182 0.02 11.82 -15.97
C ASP A 182 -0.10 12.69 -14.72
N SER A 183 -1.32 12.92 -14.30
CA SER A 183 -1.55 13.72 -13.11
C SER A 183 -0.99 13.06 -11.83
N TRP A 184 -1.30 11.79 -11.67
CA TRP A 184 -0.80 11.04 -10.53
C TRP A 184 0.71 11.00 -10.50
N ARG A 185 1.29 10.61 -11.67
CA ARG A 185 2.75 10.51 -11.88
C ARG A 185 3.49 11.76 -11.43
N SER A 186 2.86 12.90 -11.66
CA SER A 186 3.45 14.20 -11.33
C SER A 186 3.65 14.43 -9.81
N MET A 187 3.07 13.57 -8.99
CA MET A 187 3.23 13.76 -7.54
C MET A 187 4.70 13.54 -7.17
N TYR A 188 5.46 12.85 -8.02
CA TYR A 188 6.89 12.58 -7.73
C TYR A 188 7.83 13.68 -8.24
N GLU A 189 7.32 14.61 -9.05
CA GLU A 189 8.14 15.70 -9.58
C GLU A 189 9.43 15.15 -10.18
N THR A 190 9.33 14.01 -10.85
CA THR A 190 10.50 13.37 -11.39
C THR A 190 10.28 12.99 -12.84
N PRO A 191 10.83 13.80 -13.76
CA PRO A 191 10.69 13.57 -15.21
C PRO A 191 11.05 12.14 -15.66
N SER A 192 12.09 11.58 -15.03
CA SER A 192 12.57 10.26 -15.39
C SER A 192 11.86 9.12 -14.70
N LEU A 193 10.79 9.44 -13.96
CA LEU A 193 10.07 8.44 -13.16
C LEU A 193 9.81 7.09 -13.84
N GLU A 194 9.15 7.06 -15.01
CA GLU A 194 8.84 5.79 -15.66
C GLU A 194 10.12 4.92 -15.90
N GLN A 195 11.18 5.49 -16.47
CA GLN A 195 12.40 4.72 -16.69
C GLN A 195 13.08 4.32 -15.36
N ASP A 196 13.14 5.25 -14.40
CA ASP A 196 13.70 4.96 -13.07
C ASP A 196 13.01 3.73 -12.44
N LEU A 197 11.69 3.72 -12.47
CA LEU A 197 10.97 2.60 -11.87
C LEU A 197 11.19 1.30 -12.66
N GLU A 198 11.26 1.39 -13.99
CA GLU A 198 11.46 0.19 -14.82
C GLU A 198 12.85 -0.39 -14.46
N ARG A 199 13.86 0.46 -14.28
CA ARG A 199 15.19 -0.02 -13.90
C ARG A 199 15.17 -0.74 -12.52
N LEU A 200 14.43 -0.20 -11.55
CA LEU A 200 14.39 -0.84 -10.23
C LEU A 200 13.70 -2.21 -10.32
N PHE A 201 12.64 -2.27 -11.11
CA PHE A 201 11.91 -3.50 -11.30
C PHE A 201 12.87 -4.57 -11.87
N GLN A 202 13.57 -4.19 -12.92
CA GLN A 202 14.47 -5.11 -13.59
C GLN A 202 15.60 -5.60 -12.67
N GLU A 203 15.84 -4.83 -11.60
N GLU A 203 15.89 -4.83 -11.60
CA GLU A 203 16.90 -5.08 -10.64
CA GLU A 203 16.97 -5.16 -10.65
C GLU A 203 16.59 -6.21 -9.67
C GLU A 203 16.64 -6.24 -9.62
N LEU A 204 15.37 -6.33 -9.31
CA LEU A 204 14.91 -7.31 -8.34
C LEU A 204 14.37 -8.56 -9.04
N GLN A 205 14.46 -8.54 -10.39
CA GLN A 205 13.97 -9.61 -11.29
C GLN A 205 14.62 -10.97 -11.01
N PRO A 206 15.95 -11.01 -10.95
CA PRO A 206 16.66 -12.25 -10.63
C PRO A 206 16.13 -12.80 -9.30
N LEU A 207 16.00 -11.92 -8.28
CA LEU A 207 15.52 -12.35 -6.97
C LEU A 207 14.10 -12.89 -7.05
N TYR A 208 13.22 -12.18 -7.74
CA TYR A 208 11.84 -12.62 -7.87
C TYR A 208 11.68 -13.94 -8.67
N LEU A 209 12.37 -14.04 -9.81
CA LEU A 209 12.29 -15.26 -10.61
C LEU A 209 12.75 -16.49 -9.77
N ASN A 210 13.78 -16.30 -8.95
CA ASN A 210 14.27 -17.40 -8.13
C ASN A 210 13.27 -17.76 -7.04
N LEU A 211 12.68 -16.76 -6.41
CA LEU A 211 11.68 -17.02 -5.35
C LEU A 211 10.47 -17.73 -5.97
N HIS A 212 10.07 -17.25 -7.15
CA HIS A 212 8.92 -17.74 -7.95
C HIS A 212 9.09 -19.22 -8.30
N ALA A 213 10.24 -19.57 -8.87
CA ALA A 213 10.55 -20.96 -9.23
C ALA A 213 10.47 -21.88 -8.00
N TYR A 214 11.08 -21.44 -6.91
CA TYR A 214 11.12 -22.19 -5.66
C TYR A 214 9.71 -22.39 -5.09
N VAL A 215 8.90 -21.32 -5.08
CA VAL A 215 7.54 -21.45 -4.55
C VAL A 215 6.73 -22.38 -5.43
N ARG A 216 6.88 -22.22 -6.76
CA ARG A 216 6.18 -23.09 -7.73
C ARG A 216 6.48 -24.59 -7.45
N ARG A 217 7.75 -24.93 -7.23
CA ARG A 217 8.12 -26.33 -6.95
C ARG A 217 7.39 -26.81 -5.68
N ALA A 218 7.41 -25.98 -4.63
CA ALA A 218 6.73 -26.35 -3.38
C ALA A 218 5.23 -26.53 -3.59
N LEU A 219 4.64 -25.72 -4.45
CA LEU A 219 3.21 -25.83 -4.72
C LEU A 219 2.97 -27.10 -5.53
N HIS A 220 3.94 -27.43 -6.36
CA HIS A 220 3.88 -28.64 -7.16
C HIS A 220 3.80 -29.86 -6.24
N ARG A 221 4.58 -29.80 -5.14
CA ARG A 221 4.69 -30.85 -4.15
C ARG A 221 3.39 -31.04 -3.41
N HIS A 222 2.79 -29.94 -3.00
CA HIS A 222 1.56 -29.98 -2.21
C HIS A 222 0.26 -30.16 -3.01
N TYR A 223 0.12 -29.47 -4.14
CA TYR A 223 -1.11 -29.53 -4.94
C TYR A 223 -1.14 -30.53 -6.09
N GLY A 224 0.01 -31.14 -6.38
CA GLY A 224 0.06 -32.13 -7.44
C GLY A 224 0.56 -31.64 -8.78
N ALA A 225 1.23 -32.56 -9.48
CA ALA A 225 1.79 -32.26 -10.81
C ALA A 225 0.68 -31.96 -11.80
N GLN A 226 -0.50 -32.52 -11.57
CA GLN A 226 -1.65 -32.29 -12.46
C GLN A 226 -2.17 -30.86 -12.36
N HIS A 227 -1.80 -30.13 -11.30
CA HIS A 227 -2.27 -28.75 -11.15
C HIS A 227 -1.19 -27.67 -11.20
N ILE A 228 0.08 -28.06 -11.28
CA ILE A 228 1.13 -27.09 -11.33
C ILE A 228 2.08 -27.42 -12.45
N ASN A 229 2.29 -26.46 -13.34
CA ASN A 229 3.24 -26.62 -14.45
C ASN A 229 4.58 -26.03 -13.98
N LEU A 230 5.62 -26.87 -13.92
CA LEU A 230 6.93 -26.42 -13.47
C LEU A 230 7.61 -25.46 -14.47
N GLU A 231 6.96 -25.21 -15.59
CA GLU A 231 7.50 -24.30 -16.60
C GLU A 231 6.45 -23.27 -16.95
N GLY A 232 5.38 -23.19 -16.17
CA GLY A 232 4.33 -22.23 -16.48
C GLY A 232 4.01 -21.29 -15.31
N PRO A 233 3.02 -20.42 -15.46
CA PRO A 233 2.66 -19.50 -14.40
C PRO A 233 1.96 -20.19 -13.24
N ILE A 234 1.97 -19.56 -12.07
CA ILE A 234 1.34 -20.14 -10.87
C ILE A 234 -0.12 -19.75 -10.78
N PRO A 235 -1.01 -20.70 -10.52
CA PRO A 235 -2.45 -20.37 -10.33
C PRO A 235 -2.54 -19.32 -9.23
N ALA A 236 -3.16 -18.19 -9.56
CA ALA A 236 -3.23 -17.03 -8.68
C ALA A 236 -3.93 -17.18 -7.29
N HIS A 237 -4.69 -18.29 -7.01
CA HIS A 237 -5.43 -18.44 -5.72
C HIS A 237 -4.66 -19.22 -4.65
N LEU A 238 -3.42 -19.59 -4.99
CA LEU A 238 -2.61 -20.42 -4.09
C LEU A 238 -1.53 -19.77 -3.25
N LEU A 239 -1.46 -18.45 -3.24
CA LEU A 239 -0.36 -17.80 -2.54
C LEU A 239 -0.61 -17.22 -1.15
N GLY A 240 -1.78 -17.51 -0.59
CA GLY A 240 -2.10 -17.09 0.76
C GLY A 240 -2.69 -15.70 0.98
N ASN A 241 -3.01 -15.05 -0.10
CA ASN A 241 -3.53 -13.70 -0.13
C ASN A 241 -4.46 -13.55 -1.30
N MET A 242 -5.61 -12.92 -1.14
CA MET A 242 -6.60 -12.79 -2.20
C MET A 242 -6.08 -12.31 -3.59
N TRP A 243 -5.00 -11.55 -3.60
CA TRP A 243 -4.44 -11.00 -4.83
C TRP A 243 -3.05 -11.56 -5.19
N ALA A 244 -2.60 -12.54 -4.40
CA ALA A 244 -1.28 -13.14 -4.56
C ALA A 244 -0.22 -12.04 -4.52
N GLN A 245 -0.47 -10.93 -3.78
CA GLN A 245 0.44 -9.76 -3.66
C GLN A 245 1.57 -9.93 -2.65
N THR A 246 1.31 -10.72 -1.62
CA THR A 246 2.26 -11.12 -0.55
C THR A 246 2.02 -12.63 -0.31
N TRP A 247 3.09 -13.40 -0.14
CA TRP A 247 2.96 -14.83 -0.03
C TRP A 247 3.31 -15.44 1.32
N SER A 248 3.65 -14.65 2.33
CA SER A 248 4.10 -15.27 3.57
C SER A 248 3.08 -16.19 4.25
N ASN A 249 1.80 -16.11 3.91
CA ASN A 249 0.83 -17.00 4.56
C ASN A 249 1.01 -18.47 4.11
N ILE A 250 1.81 -18.75 3.04
CA ILE A 250 2.04 -20.13 2.63
C ILE A 250 3.45 -20.58 3.01
N TYR A 251 4.05 -19.86 3.94
CA TYR A 251 5.38 -20.18 4.45
C TYR A 251 5.48 -21.70 4.81
N ASP A 252 4.44 -22.22 5.45
N ASP A 252 4.43 -22.23 5.43
CA ASP A 252 4.39 -23.63 5.86
CA ASP A 252 4.38 -23.63 5.83
C ASP A 252 4.55 -24.59 4.68
C ASP A 252 4.57 -24.60 4.67
N LEU A 253 4.28 -24.14 3.47
CA LEU A 253 4.40 -24.99 2.30
C LEU A 253 5.77 -24.87 1.67
N VAL A 254 6.54 -23.81 2.04
CA VAL A 254 7.84 -23.59 1.41
C VAL A 254 9.03 -23.57 2.37
N VAL A 255 8.82 -23.78 3.66
CA VAL A 255 9.91 -23.75 4.68
C VAL A 255 11.19 -24.38 4.18
N PRO A 256 12.28 -23.61 4.03
CA PRO A 256 13.57 -24.10 3.60
C PRO A 256 14.03 -25.23 4.52
N PHE A 257 14.11 -24.90 5.82
CA PHE A 257 14.53 -25.87 6.80
C PHE A 257 13.45 -26.22 7.82
N PRO A 258 12.60 -27.18 7.39
CA PRO A 258 11.48 -27.68 8.18
C PRO A 258 11.88 -28.12 9.58
N SER A 259 13.11 -28.52 9.75
CA SER A 259 13.51 -28.95 11.10
C SER A 259 13.80 -27.74 12.00
N ALA A 260 13.93 -26.56 11.39
CA ALA A 260 14.19 -25.32 12.11
C ALA A 260 12.97 -24.88 12.90
N SER A 262 10.01 -22.54 13.92
CA SER A 262 9.47 -21.50 14.80
C SER A 262 8.04 -21.87 15.26
N MET A 263 7.60 -21.13 16.27
CA MET A 263 6.29 -21.30 16.86
C MET A 263 5.20 -20.55 16.13
N ASP A 264 3.99 -20.78 16.59
CA ASP A 264 2.88 -20.12 16.00
C ASP A 264 2.69 -18.76 16.65
N THR A 265 3.18 -17.72 15.98
CA THR A 265 3.07 -16.39 16.48
C THR A 265 1.62 -15.98 16.67
N THR A 266 0.70 -16.54 15.88
CA THR A 266 -0.69 -16.17 16.08
C THR A 266 -1.18 -16.77 17.39
N GLU A 267 -0.94 -18.07 17.56
CA GLU A 267 -1.35 -18.74 18.77
C GLU A 267 -0.71 -18.04 19.99
N ALA A 268 0.55 -17.62 19.87
CA ALA A 268 1.20 -16.93 20.98
C ALA A 268 0.51 -15.62 21.31
N MET A 269 0.23 -14.80 20.29
CA MET A 269 -0.43 -13.50 20.48
C MET A 269 -1.81 -13.69 21.11
N LEU A 270 -2.56 -14.63 20.58
CA LEU A 270 -3.88 -14.88 21.11
C LEU A 270 -3.81 -15.40 22.55
N LYS A 271 -3.04 -16.44 22.83
CA LYS A 271 -3.03 -16.95 24.20
C LYS A 271 -2.39 -15.96 25.16
N GLN A 272 -1.52 -15.10 24.65
CA GLN A 272 -0.85 -14.13 25.55
C GLN A 272 -1.67 -12.88 25.76
N GLY A 273 -2.90 -12.89 25.23
CA GLY A 273 -3.82 -11.78 25.42
C GLY A 273 -3.71 -10.59 24.49
N TRP A 274 -2.98 -10.69 23.39
CA TRP A 274 -2.90 -9.55 22.50
C TRP A 274 -4.24 -9.17 21.91
N THR A 275 -4.47 -7.87 21.77
CA THR A 275 -5.70 -7.35 21.19
C THR A 275 -5.27 -6.22 20.25
N PRO A 276 -6.24 -5.77 19.47
CA PRO A 276 -5.95 -4.71 18.55
C PRO A 276 -5.25 -3.53 19.26
N ARG A 277 -5.77 -3.09 20.41
CA ARG A 277 -5.18 -1.94 21.13
C ARG A 277 -3.74 -2.18 21.57
N ARG A 278 -3.50 -3.37 22.08
CA ARG A 278 -2.17 -3.74 22.50
C ARG A 278 -1.26 -3.72 21.28
N MET A 279 -1.76 -4.15 20.13
CA MET A 279 -0.96 -4.13 18.89
C MET A 279 -0.58 -2.71 18.52
N PHE A 280 -1.51 -1.78 18.63
CA PHE A 280 -1.18 -0.41 18.29
C PHE A 280 -0.32 0.20 19.37
N LYS A 281 -0.55 -0.20 20.62
CA LYS A 281 0.26 0.31 21.70
C LYS A 281 1.72 -0.11 21.50
N GLU A 282 1.94 -1.35 21.08
CA GLU A 282 3.29 -1.80 20.87
C GLU A 282 3.97 -0.97 19.77
N ALA A 283 3.22 -0.62 18.72
CA ALA A 283 3.80 0.20 17.64
C ALA A 283 4.15 1.60 18.22
N ASP A 284 3.24 2.12 19.01
CA ASP A 284 3.43 3.43 19.63
C ASP A 284 4.72 3.40 20.42
N ASP A 285 4.88 2.39 21.27
CA ASP A 285 6.07 2.23 22.12
C ASP A 285 7.37 2.14 21.24
N PHE A 286 7.30 1.47 20.10
CA PHE A 286 8.48 1.33 19.21
C PHE A 286 8.87 2.73 18.71
N PHE A 287 7.90 3.54 18.27
CA PHE A 287 8.21 4.88 17.79
C PHE A 287 8.87 5.72 18.89
N THR A 288 8.25 5.75 20.08
CA THR A 288 8.81 6.52 21.19
C THR A 288 10.17 5.93 21.60
N SER A 289 10.39 4.64 21.42
CA SER A 289 11.70 4.09 21.78
C SER A 289 12.80 4.72 20.90
N LEU A 290 12.41 5.27 19.76
CA LEU A 290 13.36 5.91 18.84
C LEU A 290 13.42 7.41 19.06
N GLY A 291 12.77 7.87 20.11
CA GLY A 291 12.73 9.29 20.39
C GLY A 291 11.68 9.98 19.55
N LEU A 292 10.90 9.20 18.80
CA LEU A 292 9.83 9.78 17.98
C LEU A 292 8.60 10.08 18.79
N LEU A 293 7.61 10.70 18.16
CA LEU A 293 6.38 11.14 18.82
C LEU A 293 5.38 10.05 19.17
N PRO A 294 4.79 10.11 20.38
CA PRO A 294 3.76 9.22 20.83
C PRO A 294 2.45 9.76 20.24
N VAL A 295 1.46 8.92 20.03
CA VAL A 295 0.22 9.43 19.51
C VAL A 295 -0.54 10.10 20.64
N PRO A 296 -1.34 11.13 20.35
CA PRO A 296 -2.07 11.83 21.40
C PRO A 296 -3.20 11.02 22.02
N PRO A 297 -3.56 11.38 23.24
CA PRO A 297 -4.64 10.72 23.98
C PRO A 297 -5.88 10.54 23.10
N GLU A 298 -6.18 11.59 22.34
CA GLU A 298 -7.33 11.62 21.45
C GLU A 298 -7.36 10.45 20.44
N PHE A 299 -6.18 10.03 20.00
CA PHE A 299 -6.06 8.95 19.04
C PHE A 299 -6.74 7.69 19.56
N TRP A 300 -6.49 7.38 20.83
CA TRP A 300 -7.06 6.21 21.46
C TRP A 300 -8.58 6.32 21.67
N GLN A 301 -9.07 7.54 21.83
CA GLN A 301 -10.48 7.78 22.04
C GLN A 301 -11.30 7.73 20.75
N LYS A 302 -10.78 8.26 19.65
CA LYS A 302 -11.59 8.32 18.43
C LYS A 302 -11.26 7.31 17.33
N SER A 303 -10.17 6.62 17.41
CA SER A 303 -9.86 5.68 16.36
C SER A 303 -10.82 4.50 16.40
N MET A 304 -10.86 3.79 15.28
CA MET A 304 -11.60 2.56 15.11
C MET A 304 -10.56 1.48 14.86
N LEU A 305 -10.11 0.87 15.94
CA LEU A 305 -9.03 -0.10 15.85
C LEU A 305 -9.50 -1.53 15.60
N GLU A 306 -10.81 -1.75 15.49
CA GLU A 306 -11.32 -3.06 15.17
C GLU A 306 -12.69 -2.92 14.55
N LYS A 307 -13.13 -3.96 13.86
CA LYS A 307 -14.41 -3.96 13.18
C LYS A 307 -15.51 -3.86 14.21
N PRO A 308 -16.40 -2.88 14.05
CA PRO A 308 -17.49 -2.70 15.04
C PRO A 308 -18.43 -3.91 15.12
N THR A 309 -19.01 -4.13 16.28
CA THR A 309 -19.94 -5.25 16.48
C THR A 309 -21.36 -4.75 16.78
N ASP A 310 -21.59 -3.46 16.63
CA ASP A 310 -22.89 -2.86 16.88
C ASP A 310 -23.80 -2.82 15.67
N GLY A 311 -23.43 -3.55 14.62
CA GLY A 311 -24.26 -3.59 13.41
C GLY A 311 -23.83 -2.61 12.31
N ARG A 312 -22.95 -1.69 12.64
CA ARG A 312 -22.47 -0.70 11.69
C ARG A 312 -21.74 -1.31 10.50
N GLU A 313 -21.99 -0.83 9.30
CA GLU A 313 -21.26 -1.27 8.12
C GLU A 313 -20.11 -0.30 7.97
N VAL A 314 -18.90 -0.81 7.74
CA VAL A 314 -17.75 0.08 7.62
C VAL A 314 -16.78 -0.22 6.48
N VAL A 315 -15.86 0.70 6.25
CA VAL A 315 -14.83 0.47 5.24
C VAL A 315 -13.67 -0.15 6.06
N CYS A 316 -13.50 -1.47 5.95
CA CYS A 316 -12.45 -2.15 6.70
C CYS A 316 -11.01 -1.93 6.24
N HIS A 317 -10.80 -1.73 4.94
CA HIS A 317 -9.44 -1.52 4.50
C HIS A 317 -8.74 -0.46 5.35
N ALA A 318 -7.62 -0.84 5.93
CA ALA A 318 -6.84 0.05 6.78
C ALA A 318 -6.47 1.42 6.18
N SER A 319 -6.52 2.45 7.01
CA SER A 319 -6.16 3.81 6.61
C SER A 319 -5.87 4.71 7.83
N ALA A 320 -4.97 5.69 7.65
CA ALA A 320 -4.61 6.64 8.67
C ALA A 320 -5.20 8.00 8.30
N TRP A 321 -5.68 8.73 9.30
CA TRP A 321 -6.38 9.99 9.08
C TRP A 321 -5.83 11.25 9.77
N ASP A 322 -5.58 12.26 8.96
CA ASP A 322 -5.16 13.56 9.42
C ASP A 322 -6.39 14.46 9.33
N PHE A 323 -6.82 15.04 10.44
CA PHE A 323 -8.01 15.91 10.45
C PHE A 323 -7.64 17.38 10.30
N TYR A 324 -6.41 17.65 9.92
CA TYR A 324 -5.86 19.01 9.68
C TYR A 324 -6.07 20.06 10.77
N ASN A 325 -5.77 19.72 12.02
CA ASN A 325 -5.83 20.67 13.13
C ASN A 325 -4.67 20.37 14.08
N GLY A 326 -3.73 19.58 13.55
CA GLY A 326 -2.52 19.19 14.25
C GLY A 326 -2.76 18.58 15.65
N LYS A 327 -3.96 18.06 15.91
CA LYS A 327 -4.26 17.48 17.22
C LYS A 327 -5.01 16.14 17.12
N ASP A 328 -5.85 16.04 16.10
CA ASP A 328 -6.68 14.89 15.88
C ASP A 328 -6.20 14.04 14.69
N PHE A 329 -5.68 12.86 15.03
CA PHE A 329 -5.16 11.88 14.07
C PHE A 329 -5.78 10.55 14.49
N ARG A 330 -6.20 9.73 13.53
CA ARG A 330 -6.83 8.46 13.86
C ARG A 330 -6.51 7.36 12.83
N ILE A 331 -6.69 6.11 13.27
CA ILE A 331 -6.56 4.97 12.36
C ILE A 331 -7.91 4.26 12.33
N LYS A 332 -8.27 3.75 11.17
CA LYS A 332 -9.50 2.99 10.99
C LYS A 332 -9.06 1.65 10.38
N GLN A 333 -9.00 0.62 11.21
CA GLN A 333 -8.58 -0.70 10.79
C GLN A 333 -9.38 -1.79 11.48
N CYS A 334 -9.83 -2.77 10.69
CA CYS A 334 -10.54 -3.92 11.24
C CYS A 334 -9.44 -4.91 11.59
N THR A 335 -8.66 -4.51 12.58
CA THR A 335 -7.53 -5.28 13.07
C THR A 335 -7.88 -6.67 13.62
N THR A 336 -7.13 -7.67 13.16
CA THR A 336 -7.22 -9.04 13.65
C THR A 336 -5.92 -9.32 14.35
N VAL A 337 -5.90 -10.21 15.33
CA VAL A 337 -4.70 -10.50 16.10
C VAL A 337 -3.78 -11.53 15.46
N ASN A 338 -2.75 -11.03 14.84
CA ASN A 338 -1.75 -11.87 14.18
C ASN A 338 -0.61 -11.01 13.68
N LEU A 339 0.51 -11.65 13.40
CA LEU A 339 1.70 -10.95 12.95
C LEU A 339 1.50 -10.10 11.69
N GLU A 340 0.80 -10.63 10.72
CA GLU A 340 0.56 -9.91 9.47
C GLU A 340 -0.17 -8.58 9.70
N ASP A 341 -1.10 -8.60 10.64
CA ASP A 341 -1.89 -7.41 10.92
C ASP A 341 -1.15 -6.45 11.81
N LEU A 342 -0.19 -6.99 12.54
CA LEU A 342 0.64 -6.17 13.39
C LEU A 342 1.54 -5.36 12.48
N VAL A 343 2.00 -5.95 11.38
CA VAL A 343 2.85 -5.25 10.40
C VAL A 343 2.03 -4.12 9.78
N VAL A 344 0.78 -4.42 9.41
CA VAL A 344 -0.12 -3.42 8.85
C VAL A 344 -0.36 -2.29 9.88
N ALA A 345 -0.45 -2.62 11.19
CA ALA A 345 -0.70 -1.62 12.27
C ALA A 345 0.47 -0.65 12.39
N HIS A 346 1.69 -1.23 12.30
CA HIS A 346 2.97 -0.50 12.30
C HIS A 346 2.95 0.44 11.08
N HIS A 347 2.53 -0.08 9.93
CA HIS A 347 2.43 0.66 8.67
C HIS A 347 1.52 1.88 8.84
N GLU A 348 0.32 1.66 9.36
CA GLU A 348 -0.58 2.77 9.56
C GLU A 348 0.02 3.76 10.58
N MET A 349 0.66 3.24 11.62
CA MET A 349 1.24 4.13 12.63
C MET A 349 2.33 5.01 12.06
N GLY A 350 2.97 4.57 10.98
CA GLY A 350 3.98 5.40 10.32
C GLY A 350 3.30 6.59 9.63
N HIS A 351 2.09 6.38 9.12
CA HIS A 351 1.36 7.48 8.47
C HIS A 351 1.04 8.53 9.54
N ILE A 352 0.64 8.06 10.72
CA ILE A 352 0.31 8.93 11.86
C ILE A 352 1.57 9.66 12.29
N GLN A 353 2.69 8.95 12.40
CA GLN A 353 3.91 9.66 12.80
C GLN A 353 4.22 10.78 11.79
N TYR A 354 4.05 10.52 10.50
CA TYR A 354 4.29 11.56 9.50
C TYR A 354 3.38 12.78 9.73
N PHE A 355 2.08 12.54 9.95
CA PHE A 355 1.12 13.60 10.22
C PHE A 355 1.55 14.50 11.37
N MET A 356 2.05 13.87 12.43
CA MET A 356 2.51 14.57 13.63
C MET A 356 3.82 15.31 13.44
N GLN A 357 4.68 14.77 12.58
CA GLN A 357 5.96 15.38 12.33
C GLN A 357 5.84 16.67 11.49
N TYR A 358 4.91 16.75 10.52
CA TYR A 358 4.81 17.95 9.68
C TYR A 358 3.57 18.82 9.98
N LYS A 359 2.93 18.49 11.08
CA LYS A 359 1.74 19.18 11.49
C LYS A 359 1.91 20.70 11.58
N ASP A 360 3.13 21.19 11.61
CA ASP A 360 3.34 22.64 11.72
C ASP A 360 3.66 23.33 10.42
N LEU A 361 3.56 22.59 9.32
CA LEU A 361 3.80 23.16 8.01
C LEU A 361 2.46 23.65 7.43
N PRO A 362 2.50 24.64 6.50
CA PRO A 362 1.26 25.07 5.90
C PRO A 362 0.58 23.81 5.41
N VAL A 363 -0.75 23.76 5.39
CA VAL A 363 -1.43 22.53 4.99
C VAL A 363 -1.13 22.06 3.57
N ALA A 364 -0.75 22.97 2.68
CA ALA A 364 -0.45 22.60 1.31
C ALA A 364 0.79 21.75 1.27
N LEU A 365 1.64 21.86 2.28
CA LEU A 365 2.88 21.11 2.33
C LEU A 365 2.87 19.92 3.29
N ARG A 366 1.72 19.66 3.91
CA ARG A 366 1.58 18.52 4.81
C ARG A 366 1.31 17.27 3.97
N GLU A 367 2.40 16.76 3.42
CA GLU A 367 2.40 15.58 2.57
C GLU A 367 3.74 14.92 2.69
N GLY A 368 3.88 13.70 2.19
CA GLY A 368 5.17 13.02 2.28
C GLY A 368 6.16 13.62 1.27
N ALA A 369 7.48 13.42 1.42
CA ALA A 369 8.44 13.92 0.43
C ALA A 369 7.89 13.56 -0.96
N ASN A 370 7.42 12.33 -1.07
CA ASN A 370 6.71 11.85 -2.24
C ASN A 370 5.75 10.81 -1.66
N PRO A 371 4.70 10.40 -2.37
CA PRO A 371 3.78 9.42 -1.77
C PRO A 371 4.43 8.13 -1.27
N GLY A 372 5.52 7.73 -1.90
CA GLY A 372 6.23 6.53 -1.48
C GLY A 372 6.80 6.66 -0.07
N PHE A 373 7.26 7.84 0.30
CA PHE A 373 7.82 8.05 1.64
C PHE A 373 6.76 7.82 2.72
N HIS A 374 5.58 8.35 2.49
CA HIS A 374 4.50 8.19 3.44
C HIS A 374 4.26 6.70 3.69
N GLU A 375 4.28 5.90 2.62
CA GLU A 375 4.05 4.48 2.74
C GLU A 375 5.18 3.72 3.41
N ALA A 376 6.39 4.27 3.36
CA ALA A 376 7.57 3.60 3.88
C ALA A 376 7.84 3.68 5.38
N ILE A 377 7.72 4.86 5.95
CA ILE A 377 8.01 5.08 7.37
C ILE A 377 7.67 3.89 8.24
N GLY A 378 6.38 3.56 8.29
CA GLY A 378 5.83 2.47 9.10
C GLY A 378 6.47 1.13 8.88
N ASP A 379 6.68 0.78 7.61
CA ASP A 379 7.33 -0.48 7.24
C ASP A 379 8.77 -0.53 7.74
N VAL A 380 9.49 0.60 7.73
CA VAL A 380 10.86 0.54 8.20
C VAL A 380 10.90 -0.06 9.62
N LEU A 381 10.02 0.41 10.50
CA LEU A 381 9.99 -0.09 11.86
C LEU A 381 9.56 -1.57 11.92
N ALA A 382 8.57 -1.92 11.12
CA ALA A 382 8.10 -3.30 11.12
C ALA A 382 9.21 -4.25 10.69
N LEU A 383 10.16 -3.80 9.88
CA LEU A 383 11.23 -4.72 9.51
C LEU A 383 11.97 -5.15 10.81
N SER A 384 12.26 -4.18 11.67
CA SER A 384 12.92 -4.48 12.95
C SER A 384 11.99 -5.35 13.84
N VAL A 385 10.71 -4.99 13.91
CA VAL A 385 9.78 -5.78 14.72
C VAL A 385 9.67 -7.24 14.24
N SER A 386 9.89 -7.47 12.94
CA SER A 386 9.77 -8.81 12.38
C SER A 386 10.95 -9.77 12.62
N THR A 387 12.08 -9.23 13.06
CA THR A 387 13.23 -10.08 13.31
C THR A 387 12.94 -11.08 14.43
N PRO A 388 13.49 -12.30 14.33
CA PRO A 388 13.30 -13.36 15.32
C PRO A 388 13.72 -12.85 16.68
N LYS A 389 14.80 -12.10 16.73
CA LYS A 389 15.24 -11.58 17.99
C LYS A 389 14.15 -10.69 18.61
N HIS A 390 13.67 -9.68 17.88
CA HIS A 390 12.65 -8.81 18.44
C HIS A 390 11.34 -9.55 18.77
N LEU A 391 10.97 -10.54 17.95
CA LEU A 391 9.74 -11.28 18.25
C LEU A 391 9.91 -12.10 19.53
N HIS A 392 11.13 -12.59 19.80
CA HIS A 392 11.36 -13.35 21.03
C HIS A 392 11.32 -12.39 22.21
N SER A 393 11.76 -11.14 22.03
CA SER A 393 11.68 -10.20 23.13
C SER A 393 10.20 -9.93 23.43
N LEU A 394 9.33 -10.09 22.43
CA LEU A 394 7.92 -9.87 22.67
C LEU A 394 7.24 -11.12 23.21
N ASN A 395 8.07 -12.15 23.44
CA ASN A 395 7.62 -13.42 23.99
C ASN A 395 6.82 -14.20 22.97
N LEU A 396 6.66 -13.63 21.78
CA LEU A 396 5.90 -14.31 20.75
C LEU A 396 6.66 -15.48 20.17
N LEU A 397 7.95 -15.55 20.42
CA LEU A 397 8.71 -16.66 19.90
C LEU A 397 9.53 -17.25 21.08
N SER A 398 9.86 -18.52 20.94
CA SER A 398 10.70 -19.18 21.92
C SER A 398 12.13 -18.82 21.62
N GLY A 401 16.09 -17.90 17.45
CA GLY A 401 16.73 -19.00 16.74
C GLY A 401 18.24 -18.89 16.86
N GLY A 402 18.92 -18.62 15.74
CA GLY A 402 20.36 -18.42 15.77
C GLY A 402 21.24 -19.15 14.75
N SER A 403 20.73 -20.23 14.17
CA SER A 403 21.51 -21.04 13.21
C SER A 403 21.45 -20.46 11.81
N ASP A 404 22.11 -21.09 10.85
CA ASP A 404 22.03 -20.56 9.50
C ASP A 404 20.68 -20.98 8.90
N GLU A 405 20.24 -22.19 9.24
CA GLU A 405 18.97 -22.69 8.72
C GLU A 405 17.84 -21.79 9.21
N HIS A 406 17.92 -21.37 10.48
N HIS A 406 17.91 -21.37 10.48
CA HIS A 406 16.91 -20.49 11.06
CA HIS A 406 16.92 -20.46 11.08
C HIS A 406 16.97 -19.19 10.28
C HIS A 406 16.96 -19.19 10.25
N ASP A 407 18.18 -18.80 9.92
CA ASP A 407 18.43 -17.58 9.19
C ASP A 407 17.80 -17.53 7.82
N ILE A 408 17.97 -18.61 7.08
CA ILE A 408 17.40 -18.72 5.75
C ILE A 408 15.88 -18.75 5.85
N ASN A 409 15.35 -19.41 6.87
CA ASN A 409 13.92 -19.49 7.09
C ASN A 409 13.33 -18.10 7.28
N PHE A 410 14.01 -17.27 8.07
CA PHE A 410 13.55 -15.90 8.31
C PHE A 410 13.62 -15.10 7.01
N LEU A 411 14.73 -15.19 6.31
CA LEU A 411 14.86 -14.50 5.06
C LEU A 411 13.74 -14.91 4.07
N MET A 412 13.40 -16.20 4.04
CA MET A 412 12.33 -16.71 3.17
C MET A 412 10.99 -16.09 3.56
N LYS A 413 10.68 -16.10 4.85
CA LYS A 413 9.45 -15.52 5.35
C LYS A 413 9.29 -14.08 4.90
N MET A 414 10.35 -13.31 5.11
CA MET A 414 10.36 -11.89 4.72
C MET A 414 10.20 -11.72 3.23
N ALA A 415 10.95 -12.50 2.46
CA ALA A 415 10.92 -12.42 1.00
C ALA A 415 9.54 -12.76 0.44
N LEU A 416 8.89 -13.78 1.00
CA LEU A 416 7.55 -14.17 0.54
C LEU A 416 6.61 -12.95 0.51
N ASP A 417 6.91 -11.95 1.33
CA ASP A 417 6.12 -10.73 1.39
C ASP A 417 6.73 -9.59 0.62
N LYS A 418 7.96 -9.27 0.99
CA LYS A 418 8.66 -8.15 0.41
C LYS A 418 9.06 -8.33 -1.06
N ILE A 419 9.60 -9.49 -1.43
CA ILE A 419 10.00 -9.67 -2.83
C ILE A 419 8.81 -9.95 -3.76
N ALA A 420 7.89 -10.83 -3.36
CA ALA A 420 6.70 -11.13 -4.18
C ALA A 420 5.87 -9.86 -4.50
N PHE A 421 5.87 -8.91 -3.56
CA PHE A 421 5.10 -7.71 -3.73
C PHE A 421 5.64 -6.75 -4.81
N ILE A 422 6.94 -6.86 -5.13
CA ILE A 422 7.53 -5.94 -6.08
C ILE A 422 6.80 -5.90 -7.45
N PRO A 423 6.64 -7.07 -8.12
CA PRO A 423 5.95 -7.10 -9.42
C PRO A 423 4.46 -6.82 -9.26
N PHE A 424 3.84 -7.22 -8.16
CA PHE A 424 2.44 -6.90 -8.05
C PHE A 424 2.28 -5.39 -7.98
N SER A 425 3.00 -4.76 -7.05
CA SER A 425 2.90 -3.30 -6.87
C SER A 425 3.28 -2.52 -8.15
N TYR A 426 4.21 -3.07 -8.91
CA TYR A 426 4.62 -2.44 -10.16
C TYR A 426 3.48 -2.48 -11.19
N LEU A 427 2.83 -3.63 -11.23
CA LEU A 427 1.74 -4.00 -12.10
C LEU A 427 0.52 -3.09 -12.07
N VAL A 428 -0.06 -2.89 -10.91
CA VAL A 428 -1.31 -2.12 -10.74
C VAL A 428 -1.40 -0.80 -11.52
N ASP A 429 -0.44 0.11 -11.37
CA ASP A 429 -0.56 1.37 -12.08
C ASP A 429 -0.08 1.28 -13.52
N GLN A 430 0.69 0.23 -13.83
CA GLN A 430 1.06 0.05 -15.22
C GLN A 430 -0.22 -0.18 -15.98
N TRP A 431 -1.13 -0.92 -15.33
CA TRP A 431 -2.43 -1.20 -15.93
C TRP A 431 -3.28 0.07 -15.94
N ARG A 432 -3.34 0.79 -14.82
CA ARG A 432 -4.16 2.00 -14.79
C ARG A 432 -3.64 3.14 -15.67
N TRP A 433 -2.31 3.31 -15.79
CA TRP A 433 -1.77 4.36 -16.62
C TRP A 433 -2.16 4.11 -18.06
N ARG A 434 -2.21 2.84 -18.45
CA ARG A 434 -2.59 2.45 -19.80
C ARG A 434 -4.10 2.60 -19.98
N VAL A 435 -4.87 2.47 -18.89
CA VAL A 435 -6.30 2.66 -18.98
C VAL A 435 -6.58 4.13 -19.16
N PHE A 436 -5.94 4.93 -18.30
CA PHE A 436 -6.10 6.38 -18.33
C PHE A 436 -5.63 7.04 -19.64
N ASP A 437 -4.51 6.60 -20.20
CA ASP A 437 -4.02 7.19 -21.44
C ASP A 437 -4.78 6.67 -22.65
N GLY A 438 -5.73 5.77 -22.44
CA GLY A 438 -6.56 5.35 -23.53
C GLY A 438 -6.14 4.13 -24.29
N SER A 439 -4.94 3.59 -24.05
CA SER A 439 -4.56 2.41 -24.81
C SER A 439 -5.27 1.13 -24.38
N ILE A 440 -5.94 1.15 -23.24
CA ILE A 440 -6.68 -0.06 -22.80
C ILE A 440 -8.13 0.39 -22.69
N THR A 441 -8.99 -0.12 -23.56
CA THR A 441 -10.39 0.24 -23.56
C THR A 441 -11.13 -0.73 -22.65
N LYS A 442 -12.35 -0.35 -22.25
CA LYS A 442 -13.18 -1.17 -21.37
C LYS A 442 -13.36 -2.58 -21.88
N GLU A 443 -13.40 -2.77 -23.20
CA GLU A 443 -13.57 -4.09 -23.76
C GLU A 443 -12.38 -4.99 -23.42
N ASN A 444 -11.23 -4.36 -23.16
CA ASN A 444 -9.99 -5.09 -22.87
C ASN A 444 -9.46 -4.96 -21.42
N TYR A 445 -10.21 -4.29 -20.54
CA TYR A 445 -9.81 -4.12 -19.15
C TYR A 445 -9.23 -5.41 -18.57
N ASN A 446 -10.04 -6.44 -18.47
CA ASN A 446 -9.61 -7.68 -17.88
C ASN A 446 -8.51 -8.46 -18.61
N GLN A 447 -8.54 -8.54 -19.93
CA GLN A 447 -7.50 -9.28 -20.66
C GLN A 447 -6.13 -8.64 -20.42
N GLU A 448 -6.09 -7.31 -20.43
CA GLU A 448 -4.83 -6.63 -20.20
C GLU A 448 -4.30 -6.79 -18.76
N TRP A 449 -5.24 -6.85 -17.84
CA TRP A 449 -4.88 -7.07 -16.42
C TRP A 449 -4.16 -8.40 -16.29
N TRP A 450 -4.70 -9.41 -16.97
CA TRP A 450 -4.13 -10.75 -16.90
C TRP A 450 -2.86 -10.87 -17.71
N SER A 451 -2.76 -10.04 -18.73
CA SER A 451 -1.54 -10.13 -19.46
C SER A 451 -0.43 -9.55 -18.61
N LEU A 452 -0.76 -8.53 -17.82
CA LEU A 452 0.24 -7.94 -16.94
C LEU A 452 0.51 -8.90 -15.78
N ARG A 453 -0.56 -9.51 -15.27
CA ARG A 453 -0.42 -10.48 -14.19
C ARG A 453 0.56 -11.59 -14.63
N LEU A 454 0.42 -12.03 -15.89
CA LEU A 454 1.34 -13.04 -16.40
C LEU A 454 2.74 -12.48 -16.62
N LYS A 455 2.83 -11.36 -17.31
CA LYS A 455 4.12 -10.77 -17.65
C LYS A 455 5.03 -10.47 -16.44
N TYR A 456 4.46 -9.83 -15.42
CA TYR A 456 5.22 -9.41 -14.23
C TYR A 456 5.24 -10.40 -13.08
N GLN A 457 4.11 -11.00 -12.77
CA GLN A 457 4.08 -11.88 -11.61
C GLN A 457 4.27 -13.36 -11.94
N GLY A 458 4.02 -13.71 -13.20
CA GLY A 458 4.08 -15.10 -13.59
C GLY A 458 2.88 -15.84 -12.96
N LEU A 459 1.72 -15.20 -12.98
CA LEU A 459 0.53 -15.81 -12.42
C LEU A 459 -0.54 -15.99 -13.51
N CYS A 460 -1.43 -16.95 -13.28
CA CYS A 460 -2.49 -17.19 -14.22
C CYS A 460 -3.75 -17.39 -13.40
N PRO A 461 -4.93 -17.08 -13.99
CA PRO A 461 -6.22 -17.26 -13.34
C PRO A 461 -6.53 -18.75 -13.26
N PRO A 462 -7.05 -19.23 -12.12
CA PRO A 462 -7.37 -20.66 -11.99
C PRO A 462 -8.57 -21.11 -12.81
N VAL A 463 -9.43 -20.17 -13.19
CA VAL A 463 -10.58 -20.44 -14.05
C VAL A 463 -10.60 -19.35 -15.08
N PRO A 464 -10.98 -19.69 -16.32
CA PRO A 464 -11.01 -18.69 -17.38
C PRO A 464 -11.89 -17.53 -17.00
N ARG A 465 -11.55 -16.35 -17.51
CA ARG A 465 -12.34 -15.16 -17.19
C ARG A 465 -13.29 -14.95 -18.37
N THR A 466 -14.45 -14.37 -18.12
CA THR A 466 -15.40 -14.17 -19.18
C THR A 466 -15.85 -12.70 -19.31
N GLN A 467 -16.55 -12.38 -20.37
N GLN A 467 -16.58 -12.35 -20.36
CA GLN A 467 -17.06 -11.03 -20.47
CA GLN A 467 -17.07 -10.99 -20.50
C GLN A 467 -17.87 -10.72 -19.23
N GLY A 468 -17.71 -9.52 -18.71
CA GLY A 468 -18.38 -9.15 -17.51
C GLY A 468 -17.45 -9.27 -16.32
N ASP A 469 -16.35 -10.01 -16.45
CA ASP A 469 -15.41 -10.09 -15.34
C ASP A 469 -14.58 -8.83 -15.27
N PHE A 470 -14.37 -8.33 -14.07
CA PHE A 470 -13.57 -7.12 -13.91
C PHE A 470 -12.75 -7.29 -12.63
N ASP A 471 -11.77 -8.19 -12.69
CA ASP A 471 -10.93 -8.50 -11.54
C ASP A 471 -10.26 -7.32 -10.90
N PRO A 472 -9.79 -6.33 -11.63
CA PRO A 472 -9.21 -5.17 -10.95
C PRO A 472 -10.20 -4.59 -9.96
N GLY A 473 -11.48 -4.67 -10.28
CA GLY A 473 -12.49 -4.16 -9.36
C GLY A 473 -12.42 -4.78 -7.98
N ALA A 474 -11.87 -5.98 -7.87
CA ALA A 474 -11.82 -6.66 -6.57
C ALA A 474 -10.60 -6.33 -5.73
N LYS A 475 -9.85 -5.34 -6.16
CA LYS A 475 -8.69 -4.86 -5.43
C LYS A 475 -9.06 -3.46 -4.96
N PHE A 476 -9.15 -3.28 -3.65
CA PHE A 476 -9.57 -2.00 -2.99
C PHE A 476 -9.20 -0.73 -3.72
N HIS A 477 -7.90 -0.52 -3.94
CA HIS A 477 -7.38 0.68 -4.56
C HIS A 477 -8.01 1.07 -5.89
N ILE A 478 -8.43 0.09 -6.69
CA ILE A 478 -9.05 0.39 -7.98
C ILE A 478 -10.37 1.18 -7.84
N PRO A 479 -11.40 0.59 -7.20
CA PRO A 479 -12.65 1.33 -7.01
C PRO A 479 -12.48 2.51 -6.05
N SER A 480 -11.45 2.46 -5.19
CA SER A 480 -11.24 3.55 -4.25
C SER A 480 -10.50 4.71 -4.88
N SER A 481 -9.95 4.48 -6.08
CA SER A 481 -9.21 5.51 -6.78
C SER A 481 -7.99 5.99 -5.99
N VAL A 482 -7.24 5.05 -5.44
CA VAL A 482 -6.03 5.36 -4.68
C VAL A 482 -4.81 4.90 -5.52
N PRO A 483 -3.91 5.82 -5.89
CA PRO A 483 -2.73 5.44 -6.65
C PRO A 483 -1.98 4.27 -5.97
N TYR A 484 -1.20 3.52 -6.76
CA TYR A 484 -0.55 2.32 -6.23
C TYR A 484 0.99 2.26 -6.38
N ILE A 485 1.56 3.03 -7.33
CA ILE A 485 2.99 3.00 -7.54
C ILE A 485 3.76 3.36 -6.24
N ARG A 486 3.09 4.10 -5.36
CA ARG A 486 3.63 4.50 -4.06
C ARG A 486 4.10 3.26 -3.25
N TYR A 487 3.38 2.15 -3.36
CA TYR A 487 3.75 0.94 -2.64
C TYR A 487 4.97 0.26 -3.24
N PHE A 488 5.13 0.38 -4.57
CA PHE A 488 6.30 -0.19 -5.23
C PHE A 488 7.53 0.60 -4.76
N VAL A 489 7.38 1.93 -4.80
CA VAL A 489 8.46 2.83 -4.38
C VAL A 489 8.80 2.54 -2.89
N SER A 490 7.76 2.40 -2.06
CA SER A 490 7.94 2.17 -0.65
C SER A 490 8.75 0.92 -0.35
N PHE A 491 8.38 -0.17 -1.02
CA PHE A 491 9.04 -1.45 -0.78
C PHE A 491 10.51 -1.39 -1.14
N ILE A 492 10.85 -0.53 -2.09
CA ILE A 492 12.25 -0.38 -2.43
C ILE A 492 12.97 0.46 -1.40
N ILE A 493 12.52 1.69 -1.20
CA ILE A 493 13.16 2.66 -0.32
C ILE A 493 13.12 2.35 1.17
N GLN A 494 12.14 1.55 1.61
CA GLN A 494 12.12 1.23 3.05
C GLN A 494 13.38 0.46 3.40
N PHE A 495 13.92 -0.30 2.45
CA PHE A 495 15.14 -1.03 2.73
C PHE A 495 16.31 -0.03 2.77
N GLN A 496 16.26 0.96 1.90
CA GLN A 496 17.30 2.00 1.90
C GLN A 496 17.30 2.72 3.26
N PHE A 497 16.11 2.95 3.81
CA PHE A 497 16.01 3.63 5.10
C PHE A 497 16.44 2.73 6.25
N HIS A 498 16.16 1.44 6.13
CA HIS A 498 16.49 0.46 7.17
C HIS A 498 18.02 0.40 7.18
N GLU A 499 18.59 0.30 5.99
CA GLU A 499 20.04 0.27 5.85
C GLU A 499 20.67 1.50 6.52
N ALA A 500 20.18 2.70 6.19
CA ALA A 500 20.71 3.90 6.77
C ALA A 500 20.48 3.97 8.29
N LEU A 501 19.31 3.60 8.75
CA LEU A 501 19.03 3.67 10.16
C LEU A 501 19.86 2.66 10.97
N CYS A 502 20.09 1.49 10.39
CA CYS A 502 20.87 0.48 11.06
C CYS A 502 22.28 1.01 11.21
N GLN A 503 22.82 1.57 10.14
CA GLN A 503 24.14 2.12 10.23
C GLN A 503 24.18 3.26 11.27
N ALA A 504 23.20 4.15 11.23
CA ALA A 504 23.16 5.24 12.18
C ALA A 504 23.04 4.67 13.59
N ALA A 505 22.49 3.46 13.72
CA ALA A 505 22.36 2.87 15.04
C ALA A 505 23.61 2.06 15.44
N GLY A 506 24.62 2.07 14.60
CA GLY A 506 25.84 1.35 14.90
C GLY A 506 25.82 -0.14 14.61
N HIS A 507 24.78 -0.65 13.96
CA HIS A 507 24.71 -2.08 13.65
C HIS A 507 25.84 -2.55 12.74
N THR A 508 26.32 -3.77 12.95
CA THR A 508 27.38 -4.33 12.12
C THR A 508 26.92 -5.74 11.72
N GLY A 509 27.47 -6.28 10.64
CA GLY A 509 27.07 -7.61 10.23
C GLY A 509 25.92 -7.61 9.24
N PRO A 510 25.27 -8.77 9.00
CA PRO A 510 24.16 -8.80 8.03
C PRO A 510 23.03 -7.82 8.31
N LEU A 511 22.66 -7.05 7.30
CA LEU A 511 21.59 -6.09 7.44
C LEU A 511 20.31 -6.70 8.00
N HIS A 512 19.97 -7.91 7.57
CA HIS A 512 18.71 -8.52 8.05
C HIS A 512 18.69 -8.85 9.54
N LYS A 513 19.84 -8.76 10.20
CA LYS A 513 19.92 -9.05 11.62
C LYS A 513 19.82 -7.77 12.44
N CYS A 514 19.54 -6.67 11.75
CA CYS A 514 19.42 -5.38 12.40
C CYS A 514 18.06 -5.12 13.03
N ASP A 515 18.05 -4.56 14.23
CA ASP A 515 16.83 -4.16 14.91
C ASP A 515 17.14 -2.81 15.52
N ILE A 516 16.53 -1.77 15.00
CA ILE A 516 16.83 -0.40 15.46
C ILE A 516 16.14 -0.05 16.75
N TYR A 517 15.39 -0.99 17.34
CA TYR A 517 14.71 -0.66 18.55
C TYR A 517 15.60 0.12 19.53
N GLN A 518 15.01 1.24 19.99
CA GLN A 518 15.56 2.14 21.00
C GLN A 518 16.72 3.04 20.55
N SER A 519 17.00 3.07 19.24
CA SER A 519 18.08 3.89 18.72
C SER A 519 17.60 5.32 18.46
N LYS A 520 17.99 6.22 19.35
CA LYS A 520 17.63 7.63 19.23
C LYS A 520 18.20 8.21 17.95
N GLU A 521 19.39 7.72 17.59
CA GLU A 521 20.04 8.18 16.36
C GLU A 521 19.13 7.84 15.19
N ALA A 522 18.70 6.59 15.12
CA ALA A 522 17.83 6.19 14.02
C ALA A 522 16.63 7.11 13.96
N GLY A 523 15.99 7.32 15.10
CA GLY A 523 14.85 8.18 15.20
C GLY A 523 15.09 9.58 14.64
N GLN A 524 16.24 10.14 14.99
N GLN A 524 16.21 10.23 15.03
CA GLN A 524 16.54 11.50 14.59
CA GLN A 524 16.55 11.58 14.58
C GLN A 524 16.73 11.55 13.08
C GLN A 524 16.77 11.60 13.05
N ARG A 525 17.27 10.51 12.50
CA ARG A 525 17.50 10.42 11.07
C ARG A 525 16.18 10.64 10.34
N LEU A 526 15.16 9.91 10.78
CA LEU A 526 13.83 9.99 10.18
C LEU A 526 13.08 11.27 10.44
N ALA A 527 13.09 11.69 11.70
CA ALA A 527 12.35 12.89 12.10
C ALA A 527 12.75 14.10 11.27
N THR A 528 14.06 14.32 11.10
CA THR A 528 14.53 15.46 10.33
C THR A 528 13.91 15.48 8.92
N ALA A 529 13.90 14.33 8.26
CA ALA A 529 13.32 14.23 6.92
C ALA A 529 11.78 14.29 6.95
N MET A 530 11.15 13.69 7.99
CA MET A 530 9.71 13.67 8.09
C MET A 530 9.10 15.06 8.27
N LYS A 531 9.80 15.90 9.04
CA LYS A 531 9.39 17.28 9.33
C LYS A 531 9.32 18.13 8.05
N LEU A 532 10.09 17.78 7.02
CA LEU A 532 10.10 18.54 5.78
C LEU A 532 8.78 18.46 5.02
N GLY A 533 8.01 17.41 5.29
CA GLY A 533 6.77 17.23 4.56
C GLY A 533 7.04 17.24 3.06
N PHE A 534 6.29 18.07 2.34
CA PHE A 534 6.41 18.24 0.90
C PHE A 534 7.07 19.58 0.60
N SER A 535 7.78 20.17 1.56
CA SER A 535 8.37 21.47 1.30
C SER A 535 9.57 21.43 0.33
N ARG A 536 10.38 20.37 0.38
CA ARG A 536 11.53 20.30 -0.51
C ARG A 536 11.39 19.11 -1.48
N PRO A 537 12.12 19.15 -2.61
CA PRO A 537 12.07 18.05 -3.58
C PRO A 537 12.53 16.77 -2.87
N TRP A 538 11.91 15.64 -3.22
CA TRP A 538 12.16 14.43 -2.46
C TRP A 538 13.59 13.91 -2.37
N PRO A 539 14.42 14.12 -3.40
CA PRO A 539 15.80 13.64 -3.32
C PRO A 539 16.52 14.21 -2.09
N GLU A 540 16.11 15.39 -1.67
CA GLU A 540 16.71 16.02 -0.52
C GLU A 540 16.37 15.23 0.78
N ALA A 541 15.09 14.87 0.96
CA ALA A 541 14.72 14.04 2.08
C ALA A 541 15.49 12.71 2.00
N MET A 542 15.59 12.16 0.79
CA MET A 542 16.29 10.90 0.55
C MET A 542 17.74 10.99 1.01
N GLN A 543 18.38 12.12 0.70
CA GLN A 543 19.78 12.32 1.08
C GLN A 543 19.96 12.50 2.58
N LEU A 544 19.03 13.19 3.23
CA LEU A 544 19.13 13.38 4.67
C LEU A 544 19.07 12.05 5.38
N ILE A 545 18.20 11.18 4.91
CA ILE A 545 18.06 9.89 5.54
C ILE A 545 19.20 8.94 5.20
N THR A 546 19.54 8.79 3.91
CA THR A 546 20.53 7.81 3.48
C THR A 546 21.92 8.31 3.11
N GLY A 547 22.09 9.60 2.79
CA GLY A 547 23.40 10.04 2.42
C GLY A 547 23.55 10.18 0.88
N GLN A 548 22.52 9.80 0.12
CA GLN A 548 22.54 9.96 -1.36
C GLN A 548 21.13 10.37 -1.85
N PRO A 549 20.96 10.90 -3.09
CA PRO A 549 19.62 11.35 -3.48
C PRO A 549 18.78 10.40 -4.33
N GLN A 550 19.17 9.14 -4.54
CA GLN A 550 18.36 8.32 -5.42
C GLN A 550 17.67 7.15 -4.80
N MET A 551 16.78 6.61 -5.58
CA MET A 551 16.10 5.42 -5.21
C MET A 551 17.05 4.33 -5.62
N SER A 552 17.19 3.31 -4.83
CA SER A 552 18.13 2.29 -5.26
C SER A 552 17.71 0.94 -4.73
N ALA A 553 17.81 -0.09 -5.57
CA ALA A 553 17.43 -1.42 -5.15
C ALA A 553 18.56 -2.12 -4.38
N SER A 554 19.74 -1.52 -4.31
N SER A 554 19.74 -1.52 -4.31
CA SER A 554 20.87 -2.16 -3.62
CA SER A 554 20.88 -2.16 -3.63
C SER A 554 20.64 -2.55 -2.16
C SER A 554 20.65 -2.54 -2.17
N ALA A 555 19.97 -1.69 -1.39
CA ALA A 555 19.74 -2.01 0.02
C ALA A 555 18.92 -3.32 0.16
N MET A 556 17.88 -3.42 -0.65
CA MET A 556 17.01 -4.59 -0.65
C MET A 556 17.77 -5.86 -1.04
N LEU A 557 18.56 -5.75 -2.11
CA LEU A 557 19.35 -6.85 -2.61
C LEU A 557 20.33 -7.28 -1.53
N SER A 558 20.91 -6.25 -0.90
CA SER A 558 21.88 -6.46 0.15
C SER A 558 21.17 -7.22 1.28
N TYR A 559 20.00 -6.77 1.65
CA TYR A 559 19.23 -7.44 2.71
C TYR A 559 18.99 -8.93 2.40
N PHE A 560 18.64 -9.23 1.14
CA PHE A 560 18.32 -10.59 0.71
C PHE A 560 19.44 -11.41 0.06
N LYS A 561 20.64 -10.83 0.04
CA LYS A 561 21.78 -11.48 -0.57
C LYS A 561 21.90 -12.95 -0.15
N PRO A 562 21.91 -13.23 1.16
CA PRO A 562 22.04 -14.62 1.58
C PRO A 562 20.95 -15.52 0.97
N LEU A 563 19.72 -15.02 0.89
CA LEU A 563 18.62 -15.80 0.33
C LEU A 563 18.75 -15.99 -1.18
N LEU A 564 19.25 -14.96 -1.87
CA LEU A 564 19.42 -15.09 -3.31
C LEU A 564 20.40 -16.23 -3.63
N ASP A 565 21.53 -16.26 -2.89
CA ASP A 565 22.54 -17.30 -3.09
C ASP A 565 21.95 -18.68 -2.75
N TRP A 566 21.21 -18.77 -1.64
CA TRP A 566 20.63 -20.06 -1.27
C TRP A 566 19.63 -20.53 -2.33
N LEU A 567 18.80 -19.61 -2.80
CA LEU A 567 17.79 -19.92 -3.80
C LEU A 567 18.41 -20.38 -5.11
N ARG A 568 19.40 -19.66 -5.60
CA ARG A 568 20.01 -20.09 -6.84
C ARG A 568 20.51 -21.52 -6.72
N THR A 569 21.23 -21.81 -5.65
CA THR A 569 21.75 -23.15 -5.43
C THR A 569 20.62 -24.16 -5.37
N GLU A 570 19.61 -23.87 -4.55
CA GLU A 570 18.49 -24.77 -4.41
C GLU A 570 17.76 -25.03 -5.73
N ASN A 571 17.53 -23.97 -6.51
CA ASN A 571 16.83 -24.14 -7.75
C ASN A 571 17.68 -24.87 -8.79
N GLU A 572 18.99 -24.62 -8.76
CA GLU A 572 19.85 -25.27 -9.74
C GLU A 572 19.92 -26.76 -9.44
N LEU A 573 19.90 -27.12 -8.16
CA LEU A 573 19.94 -28.53 -7.80
C LEU A 573 18.74 -29.29 -8.35
N HIS A 574 17.58 -28.61 -8.43
CA HIS A 574 16.37 -29.24 -8.92
C HIS A 574 16.13 -28.95 -10.39
N GLY A 575 17.17 -28.48 -11.07
CA GLY A 575 17.02 -28.17 -12.48
C GLY A 575 15.86 -27.25 -12.83
N GLU A 576 15.56 -26.27 -11.97
CA GLU A 576 14.45 -25.37 -12.23
C GLU A 576 14.68 -24.51 -13.45
N LYS A 577 13.61 -24.23 -14.17
CA LYS A 577 13.73 -23.34 -15.30
C LYS A 577 13.03 -22.03 -14.90
N LEU A 578 13.85 -21.02 -14.55
CA LEU A 578 13.36 -19.72 -14.14
C LEU A 578 12.38 -19.13 -15.14
N GLY A 579 11.38 -18.39 -14.67
CA GLY A 579 10.42 -17.80 -15.58
C GLY A 579 9.29 -18.75 -15.96
N TRP A 580 8.52 -18.38 -16.97
CA TRP A 580 7.39 -19.18 -17.41
C TRP A 580 7.33 -19.34 -18.91
N PRO A 581 8.34 -20.06 -19.45
CA PRO A 581 8.45 -20.37 -20.87
C PRO A 581 7.11 -20.72 -21.45
N GLN A 582 6.50 -21.74 -20.83
CA GLN A 582 5.16 -22.16 -21.21
C GLN A 582 4.17 -21.16 -20.57
N TYR A 583 4.15 -19.93 -21.12
CA TYR A 583 3.38 -18.77 -20.66
C TYR A 583 1.87 -18.75 -21.01
N ASN A 584 1.41 -19.71 -21.79
CA ASN A 584 0.01 -19.79 -22.13
C ASN A 584 -0.68 -20.80 -21.25
N TRP A 585 0.11 -21.49 -20.43
CA TRP A 585 -0.46 -22.51 -19.55
C TRP A 585 -1.45 -21.95 -18.53
N THR A 586 -2.65 -22.57 -18.41
CA THR A 586 -3.67 -22.22 -17.44
C THR A 586 -4.06 -23.56 -16.76
N PRO A 587 -4.50 -23.63 -15.48
CA PRO A 587 -4.81 -24.92 -14.75
C PRO A 587 -5.94 -25.80 -15.35
N ASN A 588 -6.24 -26.92 -14.66
CA ASN A 588 -7.22 -27.95 -15.11
C ASN A 588 -8.16 -27.46 -16.22
#